data_4AP1
#
_entry.id   4AP1
#
_cell.length_a   82.170
_cell.length_b   82.170
_cell.length_c   228.860
_cell.angle_alpha   90.00
_cell.angle_beta   90.00
_cell.angle_gamma   90.00
#
_symmetry.space_group_name_H-M   'P 41 21 2'
#
loop_
_entity.id
_entity.type
_entity.pdbx_description
1 polymer 'STEROID MONOOXYGENASE'
2 non-polymer 'FLAVIN-ADENINE DINUCLEOTIDE'
3 non-polymer 'NADP NICOTINAMIDE-ADENINE-DINUCLEOTIDE PHOSPHATE'
4 non-polymer 'SULFATE ION'
5 water water
#
_entity_poly.entity_id   1
_entity_poly.type   'polypeptide(L)'
_entity_poly.pdbx_seq_one_letter_code
;MNGQHPRSVVTAPDATTGTTSYDVVVVGAGIAGLYAIHRFRSQGLTVRAFEAASGVGGVWYWNRYPGARCDVESIDYSYS
FSPELEQEWNWSEKYATQPEILAYLEHVADRFDLRRDIRFDTRVTSAVLDEEGLRWTVRTDRGDEVSARFLVVAAGPLSN
ANTPAFDGLDRFTGDIVHTARWPHDGVDFTGKRVGVIGTGSSGIQSIPIIAEQAEQLFVFQRSANYSIPAGNVPLDDATR
AEQKANYAERRRLSRESGGGSPHRPHPKSALEVSEEERRAVYEERWKLGGVLFSAAFPDQLTDPAANDTARAFWEEKIRA
VVDDPAVAELLTPKDHAIGAKRIVTDSGYYETYNRDNVELVDLRSTPIVGMDETGIVTTGAHYDLDMIVLATGFDAMTGS
LDKLEIVGRGGRTLKETWAAGPRTYLGLGIDGFPNFFNLTGPGSPSVLANMVLHSELHVDWVADAIAYLDARGAAGIEGT
PEAVADWVEECRNRAEASLLNSANSWYLGANIPGRPRVFMPFLGGFGVYREIITEVAESGYKGFAILEG
;
_entity_poly.pdbx_strand_id   A
#
loop_
_chem_comp.id
_chem_comp.type
_chem_comp.name
_chem_comp.formula
FAD non-polymer 'FLAVIN-ADENINE DINUCLEOTIDE' 'C27 H33 N9 O15 P2'
NAP non-polymer 'NADP NICOTINAMIDE-ADENINE-DINUCLEOTIDE PHOSPHATE' 'C21 H28 N7 O17 P3'
SO4 non-polymer 'SULFATE ION' 'O4 S -2'
#
# COMPACT_ATOMS: atom_id res chain seq x y z
N THR A 20 -21.22 -24.91 -6.38
CA THR A 20 -19.79 -24.87 -5.95
C THR A 20 -18.77 -24.68 -7.08
N SER A 21 -19.19 -24.48 -8.32
CA SER A 21 -18.20 -24.07 -9.31
C SER A 21 -18.49 -22.73 -10.02
N TYR A 22 -17.45 -21.94 -10.23
CA TYR A 22 -17.58 -20.55 -10.73
C TYR A 22 -16.54 -20.29 -11.81
N ASP A 23 -16.70 -19.18 -12.52
CA ASP A 23 -15.77 -18.84 -13.59
C ASP A 23 -14.51 -18.26 -12.96
N VAL A 24 -14.71 -17.31 -12.04
CA VAL A 24 -13.61 -16.68 -11.33
C VAL A 24 -13.82 -16.83 -9.83
N VAL A 25 -12.73 -17.13 -9.14
CA VAL A 25 -12.67 -16.97 -7.70
C VAL A 25 -11.71 -15.84 -7.33
N VAL A 26 -12.24 -14.87 -6.58
CA VAL A 26 -11.45 -13.71 -6.20
C VAL A 26 -11.11 -13.82 -4.72
N VAL A 27 -9.86 -13.51 -4.36
CA VAL A 27 -9.49 -13.46 -2.95
C VAL A 27 -9.32 -12.01 -2.47
N GLY A 28 -10.20 -11.58 -1.59
CA GLY A 28 -10.10 -10.26 -0.99
C GLY A 28 -11.14 -9.33 -1.56
N ALA A 29 -11.56 -8.36 -0.74
CA ALA A 29 -12.67 -7.47 -1.11
C ALA A 29 -12.33 -6.01 -0.82
N GLY A 30 -11.08 -5.62 -1.04
CA GLY A 30 -10.70 -4.22 -0.97
C GLY A 30 -10.88 -3.56 -2.34
N ILE A 31 -10.18 -2.44 -2.57
CA ILE A 31 -10.26 -1.71 -3.84
C ILE A 31 -10.19 -2.68 -5.02
N ALA A 32 -9.20 -3.56 -5.02
CA ALA A 32 -8.94 -4.45 -6.15
C ALA A 32 -10.05 -5.51 -6.32
N GLY A 33 -10.36 -6.24 -5.26
CA GLY A 33 -11.35 -7.29 -5.30
C GLY A 33 -12.73 -6.83 -5.77
N LEU A 34 -13.18 -5.69 -5.22
CA LEU A 34 -14.49 -5.11 -5.50
C LEU A 34 -14.61 -4.74 -6.98
N TYR A 35 -13.54 -4.16 -7.54
CA TYR A 35 -13.57 -3.84 -8.95
C TYR A 35 -13.56 -5.14 -9.79
N ALA A 36 -12.84 -6.15 -9.33
CA ALA A 36 -12.80 -7.46 -10.01
C ALA A 36 -14.21 -8.04 -10.15
N ILE A 37 -14.98 -8.04 -9.05
CA ILE A 37 -16.32 -8.59 -9.06
C ILE A 37 -17.10 -7.88 -10.14
N HIS A 38 -17.08 -6.55 -10.11
CA HIS A 38 -17.82 -5.75 -11.08
C HIS A 38 -17.42 -6.00 -12.52
N ARG A 39 -16.11 -6.08 -12.74
CA ARG A 39 -15.63 -6.16 -14.10
C ARG A 39 -15.91 -7.52 -14.68
N PHE A 40 -15.62 -8.59 -13.93
CA PHE A 40 -15.86 -9.93 -14.45
C PHE A 40 -17.34 -10.21 -14.73
N ARG A 41 -18.21 -9.72 -13.84
CA ARG A 41 -19.64 -9.94 -13.97
C ARG A 41 -20.21 -9.30 -15.23
N SER A 42 -19.76 -8.09 -15.55
CA SER A 42 -20.29 -7.37 -16.73
C SER A 42 -19.98 -8.10 -18.02
N GLN A 43 -19.03 -9.01 -17.98
CA GLN A 43 -18.52 -9.69 -19.16
C GLN A 43 -19.23 -11.02 -19.24
N GLY A 44 -20.05 -11.28 -18.22
CA GLY A 44 -20.81 -12.51 -18.10
C GLY A 44 -20.17 -13.65 -17.33
N LEU A 45 -19.00 -13.42 -16.76
CA LEU A 45 -18.37 -14.41 -15.89
C LEU A 45 -19.14 -14.52 -14.57
N THR A 46 -19.18 -15.71 -13.96
CA THR A 46 -19.77 -15.83 -12.63
C THR A 46 -18.64 -15.75 -11.62
N VAL A 47 -18.79 -14.92 -10.59
CA VAL A 47 -17.71 -14.73 -9.62
C VAL A 47 -18.10 -15.19 -8.23
N ARG A 48 -17.15 -15.74 -7.48
CA ARG A 48 -17.33 -15.89 -6.03
C ARG A 48 -16.11 -15.29 -5.35
N ALA A 49 -16.34 -14.37 -4.41
CA ALA A 49 -15.24 -13.73 -3.71
C ALA A 49 -15.23 -14.14 -2.24
N PHE A 50 -14.04 -14.30 -1.69
CA PHE A 50 -13.90 -14.56 -0.28
C PHE A 50 -13.18 -13.42 0.43
N GLU A 51 -13.71 -13.04 1.59
CA GLU A 51 -13.05 -12.03 2.43
C GLU A 51 -12.97 -12.52 3.87
N ALA A 52 -11.76 -12.50 4.41
CA ALA A 52 -11.50 -12.83 5.80
C ALA A 52 -12.11 -11.78 6.73
N ALA A 53 -12.16 -10.52 6.31
CA ALA A 53 -12.82 -9.49 7.12
C ALA A 53 -14.33 -9.69 7.21
N SER A 54 -15.01 -8.81 7.96
CA SER A 54 -16.48 -8.86 8.09
C SER A 54 -17.21 -7.95 7.14
N GLY A 55 -16.51 -6.97 6.59
CA GLY A 55 -17.07 -6.07 5.60
C GLY A 55 -16.10 -5.75 4.48
N VAL A 56 -16.63 -5.18 3.40
CA VAL A 56 -15.81 -4.72 2.27
C VAL A 56 -14.85 -3.60 2.71
N GLY A 57 -13.81 -3.38 1.93
CA GLY A 57 -12.93 -2.27 2.20
C GLY A 57 -11.45 -2.56 2.36
N GLY A 58 -11.11 -3.82 2.60
CA GLY A 58 -9.69 -4.22 2.73
C GLY A 58 -8.92 -3.42 3.76
N VAL A 59 -7.73 -2.94 3.39
CA VAL A 59 -6.93 -2.15 4.32
C VAL A 59 -7.79 -1.09 5.03
N TRP A 60 -8.71 -0.47 4.29
CA TRP A 60 -9.56 0.62 4.81
C TRP A 60 -10.62 0.20 5.76
N TYR A 61 -10.87 -1.09 5.86
CA TYR A 61 -11.83 -1.60 6.79
C TYR A 61 -11.09 -1.93 8.08
N TRP A 62 -9.98 -2.66 7.96
CA TRP A 62 -9.35 -3.12 9.16
C TRP A 62 -8.39 -2.16 9.79
N ASN A 63 -7.79 -1.30 8.99
CA ASN A 63 -6.82 -0.35 9.52
C ASN A 63 -7.47 0.98 9.90
N ARG A 64 -8.03 1.06 11.11
CA ARG A 64 -8.90 2.19 11.45
C ARG A 64 -8.47 2.97 12.71
N TYR A 65 -7.18 3.23 12.86
CA TYR A 65 -6.64 3.95 14.03
C TYR A 65 -6.87 5.45 13.77
N PRO A 66 -6.89 6.25 14.85
CA PRO A 66 -7.14 7.68 14.71
C PRO A 66 -6.13 8.33 13.76
N GLY A 67 -6.61 9.12 12.81
CA GLY A 67 -5.72 9.91 11.99
C GLY A 67 -5.27 9.21 10.73
N ALA A 68 -5.79 7.99 10.50
CA ALA A 68 -5.38 7.21 9.35
C ALA A 68 -5.89 7.88 8.06
N ARG A 69 -4.99 8.16 7.12
CA ARG A 69 -5.40 8.66 5.80
C ARG A 69 -4.47 8.27 4.66
N CYS A 70 -4.97 8.37 3.43
CA CYS A 70 -4.15 8.12 2.24
C CYS A 70 -3.15 9.26 2.00
N ASP A 71 -2.21 9.03 1.09
CA ASP A 71 -1.17 10.02 0.78
C ASP A 71 -1.12 10.42 -0.69
N VAL A 72 -2.10 9.93 -1.45
CA VAL A 72 -2.38 10.35 -2.80
C VAL A 72 -3.69 11.14 -2.72
N GLU A 73 -3.77 12.27 -3.42
CA GLU A 73 -5.02 13.05 -3.50
C GLU A 73 -6.21 12.18 -3.85
N SER A 74 -7.29 12.35 -3.11
CA SER A 74 -8.46 11.48 -3.23
C SER A 74 -9.14 11.58 -4.56
N ILE A 75 -8.98 12.70 -5.23
CA ILE A 75 -9.52 12.81 -6.58
C ILE A 75 -8.82 11.79 -7.50
N ASP A 76 -7.50 11.64 -7.33
CA ASP A 76 -6.71 10.60 -8.01
C ASP A 76 -6.95 9.22 -7.44
N TYR A 77 -6.75 9.08 -6.13
CA TYR A 77 -6.93 7.82 -5.44
C TYR A 77 -8.43 7.49 -5.29
N SER A 78 -9.04 7.04 -6.39
CA SER A 78 -10.46 6.65 -6.50
C SER A 78 -10.75 6.04 -7.88
N TYR A 79 -11.94 5.47 -8.05
CA TYR A 79 -12.23 4.69 -9.24
C TYR A 79 -12.57 5.60 -10.40
N SER A 80 -12.11 5.24 -11.59
CA SER A 80 -12.46 5.99 -12.79
C SER A 80 -13.35 5.20 -13.71
N PHE A 81 -13.67 3.96 -13.36
CA PHE A 81 -14.44 3.07 -14.22
C PHE A 81 -15.89 3.48 -14.39
N SER A 82 -16.42 4.24 -13.45
CA SER A 82 -17.81 4.62 -13.49
C SER A 82 -17.91 6.12 -13.56
N PRO A 83 -18.20 6.65 -14.75
CA PRO A 83 -18.30 8.10 -14.88
C PRO A 83 -19.29 8.73 -13.92
N GLU A 84 -20.42 8.08 -13.64
CA GLU A 84 -21.42 8.64 -12.72
C GLU A 84 -20.83 8.76 -11.31
N LEU A 85 -20.39 7.64 -10.74
CA LEU A 85 -19.75 7.67 -9.42
C LEU A 85 -18.80 8.86 -9.29
N GLU A 86 -17.92 9.01 -10.28
CA GLU A 86 -16.93 10.08 -10.32
C GLU A 86 -17.60 11.44 -10.12
N GLN A 87 -18.61 11.74 -10.93
CA GLN A 87 -19.38 12.97 -10.79
C GLN A 87 -20.14 13.06 -9.47
N GLU A 88 -20.81 11.97 -9.13
CA GLU A 88 -21.80 11.93 -8.07
C GLU A 88 -21.17 12.00 -6.66
N TRP A 89 -19.97 11.42 -6.47
CA TRP A 89 -19.29 11.40 -5.14
C TRP A 89 -18.48 12.66 -4.85
N ASN A 90 -18.79 13.31 -3.72
CA ASN A 90 -18.00 14.45 -3.23
C ASN A 90 -16.99 14.11 -2.16
N TRP A 91 -15.72 14.13 -2.51
CA TRP A 91 -14.68 14.07 -1.50
C TRP A 91 -14.67 15.30 -0.64
N SER A 92 -14.49 15.11 0.66
CA SER A 92 -14.64 16.16 1.64
C SER A 92 -13.38 16.98 1.86
N GLU A 93 -12.22 16.40 1.57
CA GLU A 93 -10.92 17.06 1.73
C GLU A 93 -9.91 16.51 0.72
N LYS A 94 -8.68 17.02 0.73
CA LYS A 94 -7.64 16.62 -0.22
C LYS A 94 -7.21 15.15 -0.04
N TYR A 95 -6.74 14.79 1.15
CA TYR A 95 -6.44 13.39 1.47
C TYR A 95 -7.51 12.83 2.38
N ALA A 96 -8.39 12.00 1.85
CA ALA A 96 -9.45 11.39 2.66
C ALA A 96 -8.93 10.51 3.82
N THR A 97 -9.65 10.55 4.93
CA THR A 97 -9.36 9.69 6.08
C THR A 97 -9.99 8.29 5.88
N GLN A 98 -9.58 7.30 6.67
CA GLN A 98 -10.11 5.95 6.44
C GLN A 98 -11.65 5.82 6.59
N PRO A 99 -12.28 6.55 7.54
CA PRO A 99 -13.73 6.37 7.62
C PRO A 99 -14.43 6.90 6.39
N GLU A 100 -13.75 7.79 5.65
CA GLU A 100 -14.33 8.37 4.45
C GLU A 100 -14.19 7.45 3.27
N ILE A 101 -12.95 6.96 3.11
CA ILE A 101 -12.61 6.00 2.08
C ILE A 101 -13.45 4.75 2.32
N LEU A 102 -13.60 4.36 3.60
CA LEU A 102 -14.46 3.24 3.90
C LEU A 102 -15.89 3.51 3.41
N ALA A 103 -16.47 4.66 3.76
CA ALA A 103 -17.84 4.95 3.38
C ALA A 103 -18.01 4.85 1.85
N TYR A 104 -17.03 5.40 1.13
CA TYR A 104 -16.95 5.36 -0.31
C TYR A 104 -16.99 3.95 -0.87
N LEU A 105 -16.16 3.05 -0.36
CA LEU A 105 -16.12 1.69 -0.91
C LEU A 105 -17.41 0.93 -0.61
N GLU A 106 -18.00 1.24 0.54
CA GLU A 106 -19.25 0.60 0.91
C GLU A 106 -20.34 1.11 -0.02
N HIS A 107 -20.22 2.38 -0.39
CA HIS A 107 -21.07 2.96 -1.40
C HIS A 107 -20.87 2.24 -2.72
N VAL A 108 -19.63 2.02 -3.14
CA VAL A 108 -19.40 1.24 -4.36
C VAL A 108 -20.09 -0.13 -4.29
N ALA A 109 -19.81 -0.88 -3.23
CA ALA A 109 -20.46 -2.17 -3.04
C ALA A 109 -22.00 -2.05 -3.08
N ASP A 110 -22.53 -0.97 -2.50
CA ASP A 110 -23.97 -0.67 -2.51
C ASP A 110 -24.42 -0.54 -3.94
N ARG A 111 -23.78 0.37 -4.68
CA ARG A 111 -24.23 0.80 -5.99
C ARG A 111 -24.24 -0.35 -6.96
N PHE A 112 -23.24 -1.24 -6.85
CA PHE A 112 -23.05 -2.32 -7.84
C PHE A 112 -23.43 -3.72 -7.38
N ASP A 113 -24.16 -3.78 -6.28
CA ASP A 113 -24.67 -5.04 -5.72
C ASP A 113 -23.62 -6.13 -5.55
N LEU A 114 -22.46 -5.74 -4.99
CA LEU A 114 -21.26 -6.57 -4.95
C LEU A 114 -21.27 -7.63 -3.85
N ARG A 115 -21.77 -7.26 -2.67
CA ARG A 115 -21.83 -8.14 -1.49
C ARG A 115 -22.43 -9.53 -1.75
N ARG A 116 -23.51 -9.62 -2.51
CA ARG A 116 -24.11 -10.93 -2.75
C ARG A 116 -23.14 -12.05 -3.19
N ASP A 117 -22.09 -11.67 -3.95
CA ASP A 117 -21.08 -12.65 -4.40
C ASP A 117 -19.82 -12.73 -3.52
N ILE A 118 -19.79 -11.92 -2.47
CA ILE A 118 -18.78 -12.07 -1.42
C ILE A 118 -19.27 -12.96 -0.27
N ARG A 119 -18.38 -13.82 0.22
CA ARG A 119 -18.58 -14.51 1.50
C ARG A 119 -17.58 -13.94 2.51
N PHE A 120 -18.10 -13.22 3.52
CA PHE A 120 -17.27 -12.57 4.53
C PHE A 120 -16.88 -13.57 5.61
N ASP A 121 -16.03 -13.14 6.54
CA ASP A 121 -15.55 -13.97 7.64
C ASP A 121 -14.93 -15.28 7.23
N THR A 122 -14.44 -15.33 6.00
CA THR A 122 -13.97 -16.55 5.40
C THR A 122 -12.54 -16.33 4.91
N ARG A 123 -11.60 -17.13 5.42
CA ARG A 123 -10.20 -17.01 5.04
C ARG A 123 -9.81 -18.11 4.05
N VAL A 124 -9.21 -17.74 2.92
CA VAL A 124 -8.80 -18.75 1.93
C VAL A 124 -7.52 -19.45 2.39
N THR A 125 -7.56 -20.78 2.44
CA THR A 125 -6.47 -21.54 3.02
C THR A 125 -5.61 -22.17 1.92
N SER A 126 -6.22 -22.93 1.03
CA SER A 126 -5.44 -23.51 -0.04
C SER A 126 -6.09 -23.29 -1.39
N ALA A 127 -5.32 -23.46 -2.47
CA ALA A 127 -5.85 -23.48 -3.82
C ALA A 127 -5.04 -24.50 -4.60
N VAL A 128 -5.68 -25.55 -5.07
CA VAL A 128 -4.95 -26.63 -5.74
C VAL A 128 -5.36 -26.80 -7.21
N LEU A 129 -4.39 -26.67 -8.10
CA LEU A 129 -4.55 -26.82 -9.54
C LEU A 129 -4.86 -28.24 -9.92
N ASP A 130 -5.92 -28.45 -10.70
CA ASP A 130 -6.18 -29.70 -11.39
C ASP A 130 -5.60 -29.54 -12.78
N GLU A 131 -4.59 -30.35 -13.11
CA GLU A 131 -3.85 -30.13 -14.33
C GLU A 131 -4.56 -30.61 -15.57
N GLU A 132 -5.35 -31.68 -15.44
CA GLU A 132 -6.06 -32.24 -16.59
C GLU A 132 -7.16 -31.25 -17.00
N GLY A 133 -7.90 -30.73 -16.01
CA GLY A 133 -8.96 -29.78 -16.30
C GLY A 133 -8.65 -28.28 -16.34
N LEU A 134 -7.43 -27.88 -16.01
CA LEU A 134 -7.12 -26.44 -15.82
C LEU A 134 -8.13 -25.64 -14.95
N ARG A 135 -8.44 -26.23 -13.79
CA ARG A 135 -9.30 -25.60 -12.79
C ARG A 135 -8.56 -25.55 -11.48
N TRP A 136 -9.03 -24.69 -10.60
CA TRP A 136 -8.42 -24.51 -9.31
C TRP A 136 -9.43 -24.84 -8.27
N THR A 137 -9.14 -25.82 -7.42
CA THR A 137 -10.02 -26.10 -6.29
C THR A 137 -9.57 -25.22 -5.16
N VAL A 138 -10.49 -24.39 -4.66
CA VAL A 138 -10.19 -23.42 -3.61
C VAL A 138 -10.92 -23.81 -2.32
N ARG A 139 -10.20 -23.77 -1.20
CA ARG A 139 -10.78 -24.15 0.11
C ARG A 139 -10.56 -23.07 1.18
N THR A 140 -11.52 -22.97 2.08
CA THR A 140 -11.52 -21.90 3.05
C THR A 140 -11.51 -22.47 4.46
N ASP A 141 -11.38 -21.59 5.44
CA ASP A 141 -11.34 -22.02 6.83
C ASP A 141 -12.77 -22.23 7.34
N ARG A 142 -13.76 -21.83 6.55
CA ARG A 142 -15.15 -22.07 6.94
C ARG A 142 -15.74 -23.32 6.25
N GLY A 143 -14.88 -24.19 5.73
CA GLY A 143 -15.31 -25.41 5.08
C GLY A 143 -15.77 -25.33 3.64
N ASP A 144 -15.74 -24.16 3.00
CA ASP A 144 -16.07 -24.06 1.57
C ASP A 144 -15.09 -24.84 0.69
N GLU A 145 -15.58 -25.39 -0.43
CA GLU A 145 -14.74 -26.02 -1.44
C GLU A 145 -15.33 -25.70 -2.78
N VAL A 146 -14.66 -24.84 -3.54
CA VAL A 146 -15.23 -24.36 -4.81
C VAL A 146 -14.27 -24.60 -5.98
N SER A 147 -14.82 -24.74 -7.17
CA SER A 147 -14.00 -24.95 -8.37
C SER A 147 -13.99 -23.73 -9.29
N ALA A 148 -12.82 -23.22 -9.64
CA ALA A 148 -12.77 -22.01 -10.45
C ALA A 148 -11.99 -22.23 -11.73
N ARG A 149 -12.45 -21.63 -12.83
CA ARG A 149 -11.66 -21.62 -14.06
C ARG A 149 -10.41 -20.76 -13.86
N PHE A 150 -10.59 -19.62 -13.17
CA PHE A 150 -9.50 -18.67 -12.94
C PHE A 150 -9.43 -18.26 -11.49
N LEU A 151 -8.22 -18.23 -10.93
CA LEU A 151 -8.03 -17.78 -9.57
C LEU A 151 -7.41 -16.40 -9.59
N VAL A 152 -8.15 -15.41 -9.09
CA VAL A 152 -7.61 -14.06 -8.99
C VAL A 152 -7.44 -13.71 -7.51
N VAL A 153 -6.18 -13.50 -7.11
CA VAL A 153 -5.84 -13.13 -5.75
C VAL A 153 -5.68 -11.61 -5.73
N ALA A 154 -6.44 -10.93 -4.88
CA ALA A 154 -6.39 -9.49 -4.78
C ALA A 154 -6.28 -9.14 -3.30
N ALA A 155 -5.17 -9.55 -2.70
CA ALA A 155 -5.05 -9.64 -1.24
C ALA A 155 -4.25 -8.48 -0.69
N GLY A 156 -3.84 -7.58 -1.59
CA GLY A 156 -3.17 -6.35 -1.19
C GLY A 156 -1.69 -6.46 -0.91
N PRO A 157 -0.99 -5.32 -0.95
CA PRO A 157 0.46 -5.23 -0.76
C PRO A 157 0.89 -5.06 0.68
N LEU A 158 -0.04 -4.72 1.57
CA LEU A 158 0.28 -4.47 2.96
C LEU A 158 -0.46 -5.38 3.94
N SER A 159 0.29 -6.18 4.67
CA SER A 159 -0.24 -7.01 5.74
C SER A 159 0.49 -6.52 6.99
N ASN A 160 -0.07 -6.80 8.17
CA ASN A 160 0.54 -6.38 9.42
C ASN A 160 1.89 -6.98 9.70
N ALA A 161 2.82 -6.15 10.16
CA ALA A 161 4.03 -6.68 10.77
C ALA A 161 3.63 -7.44 12.05
N ASN A 162 4.51 -8.33 12.52
CA ASN A 162 4.26 -9.07 13.74
C ASN A 162 4.17 -8.17 14.97
N THR A 163 3.38 -8.61 15.97
CA THR A 163 3.39 -7.96 17.27
C THR A 163 4.68 -8.35 17.98
N PRO A 164 5.47 -7.34 18.40
CA PRO A 164 6.76 -7.63 19.04
C PRO A 164 6.60 -8.19 20.46
N ALA A 165 7.19 -9.36 20.69
CA ALA A 165 7.23 -9.95 22.02
C ALA A 165 7.87 -8.97 23.01
N PHE A 166 7.09 -8.49 23.96
CA PHE A 166 7.67 -7.70 25.04
C PHE A 166 7.54 -8.53 26.32
N ASP A 167 8.66 -8.77 26.99
CA ASP A 167 8.60 -9.57 28.20
C ASP A 167 7.68 -8.88 29.20
N GLY A 168 6.75 -9.66 29.72
CA GLY A 168 5.83 -9.19 30.76
C GLY A 168 4.74 -8.24 30.32
N LEU A 169 4.45 -8.23 29.03
CA LEU A 169 3.31 -7.47 28.51
C LEU A 169 2.04 -7.99 29.18
N ASP A 170 2.08 -9.29 29.44
CA ASP A 170 1.02 -10.04 30.09
C ASP A 170 0.80 -9.63 31.57
N ARG A 171 1.65 -8.75 32.10
CA ARG A 171 1.57 -8.28 33.48
C ARG A 171 1.06 -6.84 33.63
N PHE A 172 1.14 -6.05 32.55
CA PHE A 172 0.63 -4.67 32.56
C PHE A 172 -0.85 -4.63 32.97
N THR A 173 -1.17 -3.80 33.97
CA THR A 173 -2.55 -3.74 34.49
C THR A 173 -3.45 -2.80 33.68
N GLY A 174 -2.86 -1.83 32.98
CA GLY A 174 -3.62 -0.88 32.15
C GLY A 174 -4.05 -1.40 30.79
N ASP A 175 -4.36 -0.47 29.88
CA ASP A 175 -4.92 -0.82 28.54
C ASP A 175 -3.87 -0.93 27.44
N ILE A 176 -3.97 -1.99 26.65
CA ILE A 176 -3.08 -2.21 25.51
C ILE A 176 -3.86 -2.11 24.21
N VAL A 177 -3.70 -1.01 23.47
CA VAL A 177 -4.44 -0.83 22.22
C VAL A 177 -3.55 -1.01 20.99
N HIS A 178 -3.95 -1.87 20.04
CA HIS A 178 -3.15 -2.10 18.82
C HIS A 178 -3.70 -1.33 17.66
N THR A 179 -2.85 -0.57 16.97
CA THR A 179 -3.31 0.18 15.79
C THR A 179 -3.87 -0.71 14.69
N ALA A 180 -3.45 -1.97 14.63
CA ALA A 180 -4.02 -2.90 13.65
C ALA A 180 -5.42 -3.41 14.01
N ARG A 181 -5.83 -3.26 15.27
CA ARG A 181 -7.12 -3.78 15.75
C ARG A 181 -7.78 -2.73 16.63
N TRP A 182 -7.90 -1.52 16.11
CA TRP A 182 -8.45 -0.41 16.87
C TRP A 182 -9.88 -0.64 17.19
N PRO A 183 -10.30 -0.34 18.44
CA PRO A 183 -11.71 -0.52 18.85
C PRO A 183 -12.67 0.24 17.95
N HIS A 184 -13.74 -0.41 17.51
CA HIS A 184 -14.68 0.24 16.59
C HIS A 184 -15.33 1.46 17.21
N ASP A 185 -15.50 1.46 18.53
CA ASP A 185 -16.12 2.61 19.20
C ASP A 185 -15.15 3.58 19.89
N GLY A 186 -13.94 3.67 19.39
CA GLY A 186 -12.98 4.66 19.89
C GLY A 186 -12.36 4.35 21.24
N VAL A 187 -11.33 5.10 21.59
CA VAL A 187 -10.71 4.97 22.91
C VAL A 187 -10.55 6.40 23.49
N ASP A 188 -11.02 6.63 24.71
CA ASP A 188 -10.78 7.91 25.33
C ASP A 188 -9.38 7.97 25.94
N PHE A 189 -8.55 8.92 25.47
CA PHE A 189 -7.24 9.21 26.10
C PHE A 189 -7.32 10.32 27.16
N THR A 190 -8.51 10.88 27.38
CA THR A 190 -8.64 12.01 28.31
C THR A 190 -8.13 11.64 29.69
N GLY A 191 -7.16 12.42 30.16
CA GLY A 191 -6.59 12.19 31.48
C GLY A 191 -5.63 11.01 31.63
N LYS A 192 -5.36 10.28 30.55
CA LYS A 192 -4.46 9.12 30.66
C LYS A 192 -2.98 9.41 30.36
N ARG A 193 -2.10 8.61 30.99
CA ARG A 193 -0.68 8.61 30.65
C ARG A 193 -0.47 7.52 29.59
N VAL A 194 -0.04 7.93 28.40
CA VAL A 194 -0.02 7.06 27.23
C VAL A 194 1.40 6.86 26.69
N GLY A 195 1.71 5.61 26.34
CA GLY A 195 2.97 5.28 25.70
C GLY A 195 2.70 4.72 24.32
N VAL A 196 3.40 5.28 23.34
CA VAL A 196 3.33 4.79 21.96
C VAL A 196 4.67 4.15 21.55
N ILE A 197 4.59 2.91 21.08
CA ILE A 197 5.74 2.18 20.57
C ILE A 197 5.57 1.99 19.07
N GLY A 198 6.49 2.57 18.30
CA GLY A 198 6.44 2.55 16.84
C GLY A 198 6.20 3.93 16.28
N THR A 199 6.94 4.30 15.24
CA THR A 199 6.75 5.60 14.59
C THR A 199 6.69 5.48 13.05
N GLY A 200 5.96 4.48 12.58
CA GLY A 200 5.64 4.36 11.15
C GLY A 200 4.43 5.23 10.82
N SER A 201 3.76 4.95 9.70
CA SER A 201 2.57 5.71 9.37
C SER A 201 1.55 5.66 10.53
N SER A 202 1.24 4.47 11.03
CA SER A 202 0.35 4.28 12.19
C SER A 202 0.69 5.19 13.35
N GLY A 203 1.97 5.25 13.70
CA GLY A 203 2.43 6.11 14.78
C GLY A 203 2.26 7.58 14.43
N ILE A 204 2.96 8.03 13.39
CA ILE A 204 2.94 9.42 12.96
C ILE A 204 1.52 9.92 12.70
N GLN A 205 0.61 9.02 12.32
CA GLN A 205 -0.70 9.51 11.98
C GLN A 205 -1.56 9.70 13.20
N SER A 206 -1.32 8.89 14.22
CA SER A 206 -2.16 8.87 15.42
C SER A 206 -1.60 9.73 16.56
N ILE A 207 -0.26 9.76 16.69
CA ILE A 207 0.41 10.56 17.71
C ILE A 207 -0.24 11.95 17.98
N PRO A 208 -0.44 12.79 16.93
CA PRO A 208 -0.94 14.14 17.22
C PRO A 208 -2.35 14.12 17.77
N ILE A 209 -3.11 13.08 17.40
CA ILE A 209 -4.48 12.95 17.89
C ILE A 209 -4.49 12.48 19.35
N ILE A 210 -3.73 11.43 19.63
CA ILE A 210 -3.50 11.00 20.99
C ILE A 210 -3.03 12.21 21.79
N ALA A 211 -2.06 12.96 21.26
CA ALA A 211 -1.44 14.07 21.98
C ALA A 211 -2.40 15.22 22.34
N GLU A 212 -3.39 15.47 21.48
CA GLU A 212 -4.35 16.52 21.75
C GLU A 212 -5.22 16.24 22.99
N GLN A 213 -5.47 14.98 23.33
CA GLN A 213 -6.33 14.71 24.50
C GLN A 213 -5.67 13.98 25.68
N ALA A 214 -4.60 13.25 25.42
CA ALA A 214 -3.87 12.56 26.50
C ALA A 214 -3.43 13.50 27.62
N GLU A 215 -3.34 12.98 28.84
CA GLU A 215 -2.77 13.73 29.95
C GLU A 215 -1.32 13.96 29.62
N GLN A 216 -0.61 12.86 29.37
CA GLN A 216 0.79 12.89 28.97
C GLN A 216 1.00 11.81 27.94
N LEU A 217 1.85 12.08 26.97
CA LEU A 217 2.21 11.12 25.93
C LEU A 217 3.72 10.90 25.88
N PHE A 218 4.15 9.65 26.00
CA PHE A 218 5.55 9.36 25.78
C PHE A 218 5.61 8.63 24.46
N VAL A 219 6.54 9.03 23.60
CA VAL A 219 6.73 8.36 22.32
C VAL A 219 8.09 7.69 22.30
N PHE A 220 8.06 6.35 22.24
CA PHE A 220 9.27 5.52 22.32
C PHE A 220 9.83 5.21 20.95
N GLN A 221 10.94 5.85 20.60
CA GLN A 221 11.46 5.79 19.22
C GLN A 221 12.74 4.95 19.03
N ARG A 222 12.64 3.89 18.22
CA ARG A 222 13.79 3.06 17.83
C ARG A 222 14.55 3.74 16.69
N SER A 223 13.85 4.00 15.59
CA SER A 223 14.35 4.74 14.45
C SER A 223 13.30 5.73 13.99
N ALA A 224 13.75 6.79 13.34
CA ALA A 224 12.89 7.85 12.85
C ALA A 224 12.77 7.77 11.34
N ASN A 225 11.61 8.14 10.81
CA ASN A 225 11.39 8.14 9.37
C ASN A 225 10.93 9.51 8.91
N TYR A 226 11.13 9.78 7.62
CA TYR A 226 10.74 11.05 7.03
C TYR A 226 9.24 11.13 6.88
N SER A 227 8.68 12.26 7.29
CA SER A 227 7.29 12.54 7.05
C SER A 227 7.19 13.93 6.45
N ILE A 228 6.17 14.16 5.62
CA ILE A 228 5.93 15.51 5.11
C ILE A 228 4.54 16.03 5.48
N PRO A 229 4.48 17.29 5.95
CA PRO A 229 3.22 18.02 6.13
C PRO A 229 2.24 17.80 4.98
N ALA A 230 1.06 17.30 5.34
CA ALA A 230 -0.06 17.05 4.44
C ALA A 230 -0.58 18.30 3.72
N GLY A 231 -0.49 19.44 4.41
CA GLY A 231 -1.03 20.70 3.90
C GLY A 231 -2.48 20.51 3.49
N ASN A 232 -3.24 19.86 4.38
CA ASN A 232 -4.61 19.45 4.09
C ASN A 232 -5.56 20.65 4.09
N VAL A 233 -6.03 21.00 2.89
CA VAL A 233 -7.04 22.03 2.70
C VAL A 233 -8.33 21.32 2.26
N PRO A 234 -9.49 21.76 2.77
CA PRO A 234 -10.78 21.37 2.17
C PRO A 234 -11.01 22.12 0.85
N LEU A 235 -11.51 21.40 -0.17
CA LEU A 235 -11.60 21.92 -1.54
C LEU A 235 -12.58 23.09 -1.71
N ASP A 236 -12.16 24.11 -2.45
CA ASP A 236 -13.00 25.25 -2.80
C ASP A 236 -14.17 24.84 -3.70
N ASP A 237 -15.38 25.28 -3.32
CA ASP A 237 -16.62 25.00 -4.04
C ASP A 237 -16.50 25.24 -5.55
N ALA A 238 -15.95 26.40 -5.92
CA ALA A 238 -15.78 26.79 -7.32
C ALA A 238 -14.80 25.90 -8.09
N THR A 239 -13.88 25.26 -7.36
CA THR A 239 -12.91 24.34 -7.97
C THR A 239 -13.48 22.91 -8.08
N ARG A 240 -14.35 22.56 -7.13
CA ARG A 240 -14.94 21.22 -7.05
C ARG A 240 -15.68 20.84 -8.34
N ALA A 241 -16.38 21.80 -8.94
CA ALA A 241 -17.03 21.57 -10.24
C ALA A 241 -16.04 21.68 -11.42
N GLU A 242 -15.07 22.60 -11.30
CA GLU A 242 -14.04 22.82 -12.34
C GLU A 242 -13.13 21.61 -12.48
N GLN A 243 -12.81 20.93 -11.37
CA GLN A 243 -12.04 19.70 -11.47
CA GLN A 243 -12.05 19.69 -11.42
C GLN A 243 -12.90 18.61 -12.09
N LYS A 244 -14.13 18.45 -11.60
CA LYS A 244 -15.06 17.43 -12.08
C LYS A 244 -15.37 17.56 -13.56
N ALA A 245 -15.23 18.77 -14.12
CA ALA A 245 -15.37 18.96 -15.57
C ALA A 245 -14.11 18.48 -16.31
N ASN A 246 -12.94 18.66 -15.68
CA ASN A 246 -11.66 18.28 -16.28
C ASN A 246 -11.15 16.89 -15.84
N TYR A 247 -12.05 16.05 -15.34
CA TYR A 247 -11.69 14.70 -14.87
C TYR A 247 -11.08 13.85 -15.98
N ALA A 248 -11.78 13.76 -17.11
CA ALA A 248 -11.31 12.96 -18.24
C ALA A 248 -9.84 13.26 -18.54
N GLU A 249 -9.50 14.54 -18.68
CA GLU A 249 -8.11 14.95 -18.97
C GLU A 249 -7.19 14.73 -17.79
N ARG A 250 -7.74 14.67 -16.59
CA ARG A 250 -6.92 14.41 -15.42
C ARG A 250 -6.56 12.93 -15.32
N ARG A 251 -7.49 12.08 -15.78
CA ARG A 251 -7.29 10.64 -15.79
C ARG A 251 -6.34 10.24 -16.91
N ARG A 252 -6.49 10.88 -18.08
CA ARG A 252 -5.59 10.59 -19.20
C ARG A 252 -4.15 10.83 -18.81
N LEU A 253 -3.88 11.92 -18.10
CA LEU A 253 -2.53 12.26 -17.66
C LEU A 253 -1.97 11.22 -16.71
N SER A 254 -2.71 10.92 -15.66
CA SER A 254 -2.28 9.95 -14.63
C SER A 254 -1.98 8.55 -15.19
N ARG A 255 -2.80 8.09 -16.13
CA ARG A 255 -2.58 6.81 -16.75
C ARG A 255 -1.27 6.80 -17.50
N GLU A 256 -0.96 7.89 -18.21
CA GLU A 256 0.28 7.98 -18.98
C GLU A 256 1.46 8.37 -18.10
N SER A 257 1.18 8.87 -16.90
CA SER A 257 2.22 9.26 -15.95
C SER A 257 3.05 8.08 -15.40
N GLY A 258 3.91 8.41 -14.43
CA GLY A 258 4.82 7.46 -13.82
C GLY A 258 4.40 6.97 -12.45
N GLY A 259 3.73 7.82 -11.69
CA GLY A 259 3.25 7.44 -10.36
C GLY A 259 1.76 7.18 -10.32
N GLY A 260 1.10 7.39 -11.47
CA GLY A 260 -0.34 7.24 -11.56
C GLY A 260 -1.06 8.48 -11.03
N SER A 261 -0.41 9.63 -11.14
CA SER A 261 -1.05 10.88 -10.78
C SER A 261 -0.72 11.93 -11.83
N PRO A 262 -1.52 13.01 -11.93
CA PRO A 262 -1.34 13.98 -13.01
C PRO A 262 -0.21 14.96 -12.68
N HIS A 263 1.01 14.43 -12.51
CA HIS A 263 2.16 15.21 -12.06
C HIS A 263 3.43 14.87 -12.79
N ARG A 264 3.89 15.81 -13.58
CA ARG A 264 5.19 15.75 -14.23
C ARG A 264 6.28 16.16 -13.21
N PRO A 265 7.40 15.41 -13.17
CA PRO A 265 8.54 15.89 -12.41
C PRO A 265 9.18 17.08 -13.14
N HIS A 266 10.19 17.69 -12.52
CA HIS A 266 10.91 18.79 -13.14
C HIS A 266 11.56 18.37 -14.44
N PRO A 267 11.56 19.25 -15.46
CA PRO A 267 12.32 18.93 -16.67
C PRO A 267 13.80 18.64 -16.36
N LYS A 268 14.56 19.69 -16.06
CA LYS A 268 16.00 19.58 -15.77
C LYS A 268 16.33 18.76 -14.51
N SER A 269 17.60 18.39 -14.36
CA SER A 269 18.09 17.61 -13.21
C SER A 269 18.11 18.44 -11.91
N ALA A 270 18.37 17.78 -10.79
CA ALA A 270 18.46 18.45 -9.49
C ALA A 270 19.56 19.50 -9.47
N LEU A 271 20.80 19.04 -9.56
CA LEU A 271 21.98 19.89 -9.43
C LEU A 271 22.26 20.81 -10.62
N GLU A 272 21.70 20.49 -11.79
CA GLU A 272 21.92 21.30 -13.01
C GLU A 272 21.30 22.69 -12.93
N VAL A 273 20.19 22.80 -12.19
CA VAL A 273 19.47 24.07 -12.00
C VAL A 273 19.94 24.78 -10.71
N SER A 274 19.93 26.13 -10.74
CA SER A 274 20.51 26.97 -9.68
C SER A 274 19.97 26.72 -8.26
N GLU A 275 20.77 27.10 -7.26
CA GLU A 275 20.39 26.95 -5.84
C GLU A 275 19.06 27.62 -5.50
N GLU A 276 18.85 28.82 -6.04
CA GLU A 276 17.59 29.54 -5.90
C GLU A 276 16.45 28.69 -6.50
N GLU A 277 16.55 28.39 -7.80
CA GLU A 277 15.49 27.68 -8.53
C GLU A 277 15.17 26.27 -8.01
N ARG A 278 16.03 25.74 -7.15
CA ARG A 278 15.82 24.42 -6.54
C ARG A 278 15.02 24.54 -5.24
N ARG A 279 15.38 25.50 -4.39
CA ARG A 279 14.61 25.84 -3.19
C ARG A 279 13.17 26.22 -3.52
N ALA A 280 12.92 26.67 -4.76
CA ALA A 280 11.58 27.04 -5.20
C ALA A 280 10.76 25.79 -5.52
N VAL A 281 11.32 24.93 -6.37
CA VAL A 281 10.65 23.68 -6.76
C VAL A 281 10.43 22.77 -5.54
N TYR A 282 11.45 22.65 -4.70
CA TYR A 282 11.36 21.89 -3.45
C TYR A 282 10.24 22.38 -2.54
N GLU A 283 10.10 23.70 -2.44
CA GLU A 283 9.01 24.34 -1.68
C GLU A 283 7.64 24.05 -2.30
N GLU A 284 7.54 24.21 -3.63
CA GLU A 284 6.31 23.99 -4.37
C GLU A 284 5.79 22.56 -4.25
N ARG A 285 6.69 21.59 -4.33
CA ARG A 285 6.36 20.17 -4.19
C ARG A 285 6.10 19.81 -2.72
N TRP A 286 6.67 20.59 -1.81
CA TRP A 286 6.43 20.42 -0.36
C TRP A 286 4.98 20.66 -0.03
N LYS A 287 4.36 21.61 -0.73
CA LYS A 287 2.91 21.85 -0.62
C LYS A 287 2.10 20.60 -1.01
N LEU A 288 2.46 19.97 -2.14
CA LEU A 288 1.78 18.75 -2.61
C LEU A 288 1.85 17.59 -1.60
N GLY A 289 3.03 17.38 -1.01
CA GLY A 289 3.15 16.45 0.11
C GLY A 289 3.61 15.04 -0.15
N GLY A 290 4.43 14.54 0.79
CA GLY A 290 4.76 13.12 0.97
C GLY A 290 5.29 12.32 -0.19
N VAL A 291 4.37 11.66 -0.90
CA VAL A 291 4.70 10.76 -2.02
C VAL A 291 5.32 11.49 -3.19
N LEU A 292 4.71 12.62 -3.56
CA LEU A 292 5.08 13.36 -4.73
C LEU A 292 6.38 14.15 -4.54
N PHE A 293 6.67 14.46 -3.28
CA PHE A 293 7.87 15.22 -2.93
C PHE A 293 9.14 14.44 -3.27
N SER A 294 9.09 13.12 -3.17
CA SER A 294 10.22 12.27 -3.54
C SER A 294 10.41 12.24 -5.07
N ALA A 295 9.45 12.80 -5.79
CA ALA A 295 9.51 12.87 -7.25
C ALA A 295 9.47 14.33 -7.73
N ALA A 296 10.32 15.16 -7.14
CA ALA A 296 10.44 16.56 -7.52
C ALA A 296 11.48 16.72 -8.61
N PHE A 297 12.63 16.06 -8.44
CA PHE A 297 13.69 16.05 -9.43
C PHE A 297 13.89 14.64 -10.00
N PRO A 298 14.09 14.53 -11.33
CA PRO A 298 14.26 13.22 -11.99
C PRO A 298 15.26 12.30 -11.29
N ASP A 299 16.44 12.80 -10.94
CA ASP A 299 17.49 11.96 -10.34
C ASP A 299 17.43 11.85 -8.81
N GLN A 300 16.33 12.32 -8.22
CA GLN A 300 16.16 12.39 -6.75
C GLN A 300 16.19 11.01 -6.07
N LEU A 301 15.75 9.98 -6.80
CA LEU A 301 15.78 8.60 -6.32
C LEU A 301 16.73 7.75 -7.16
N THR A 302 17.79 8.42 -7.65
CA THR A 302 18.80 7.82 -8.53
C THR A 302 20.21 8.24 -8.10
N ASP A 303 20.43 9.56 -8.06
CA ASP A 303 21.73 10.15 -7.76
C ASP A 303 21.83 10.57 -6.28
N PRO A 304 22.75 9.93 -5.53
CA PRO A 304 22.80 10.06 -4.06
C PRO A 304 23.18 11.47 -3.61
N ALA A 305 23.86 12.19 -4.48
CA ALA A 305 24.22 13.59 -4.23
C ALA A 305 23.00 14.49 -4.34
N ALA A 306 22.09 14.12 -5.25
CA ALA A 306 20.87 14.88 -5.48
C ALA A 306 19.88 14.66 -4.35
N ASN A 307 19.92 13.46 -3.79
CA ASN A 307 19.06 13.06 -2.68
C ASN A 307 19.51 13.72 -1.39
N ASP A 308 20.81 13.98 -1.27
CA ASP A 308 21.37 14.74 -0.16
C ASP A 308 20.73 16.13 -0.08
N THR A 309 20.50 16.76 -1.24
CA THR A 309 19.87 18.07 -1.32
C THR A 309 18.44 18.04 -0.77
N ALA A 310 17.74 16.93 -0.98
CA ALA A 310 16.40 16.77 -0.44
C ALA A 310 16.43 16.57 1.08
N ARG A 311 17.28 15.65 1.55
CA ARG A 311 17.48 15.40 2.99
C ARG A 311 17.70 16.74 3.67
N ALA A 312 18.53 17.56 3.04
CA ALA A 312 18.90 18.89 3.52
C ALA A 312 17.70 19.85 3.62
N PHE A 313 16.93 19.98 2.53
CA PHE A 313 15.74 20.81 2.51
C PHE A 313 14.78 20.37 3.60
N TRP A 314 14.73 19.06 3.83
CA TRP A 314 13.83 18.46 4.81
C TRP A 314 14.28 18.75 6.21
N GLU A 315 15.57 18.54 6.48
CA GLU A 315 16.12 18.78 7.82
C GLU A 315 15.84 20.19 8.31
N GLU A 316 16.04 21.17 7.44
CA GLU A 316 15.80 22.58 7.74
C GLU A 316 14.36 22.81 8.21
N LYS A 317 13.39 22.33 7.44
CA LYS A 317 11.95 22.47 7.75
C LYS A 317 11.59 21.98 9.15
N ILE A 318 12.25 20.92 9.58
CA ILE A 318 11.99 20.28 10.87
C ILE A 318 12.57 21.07 12.06
N ARG A 319 13.79 21.60 11.89
CA ARG A 319 14.40 22.46 12.90
C ARG A 319 13.63 23.77 13.02
N ALA A 320 13.01 24.18 11.91
CA ALA A 320 12.15 25.36 11.86
C ALA A 320 10.92 25.18 12.74
N VAL A 321 10.32 24.00 12.67
CA VAL A 321 9.06 23.74 13.34
C VAL A 321 9.23 23.21 14.77
N VAL A 322 10.28 22.44 15.04
CA VAL A 322 10.53 21.96 16.41
C VAL A 322 11.36 22.96 17.24
N ASP A 323 10.85 23.29 18.43
CA ASP A 323 11.48 24.29 19.33
C ASP A 323 12.87 23.87 19.83
N ASP A 324 12.95 22.61 20.29
CA ASP A 324 14.12 22.08 20.99
C ASP A 324 15.04 21.32 20.02
N PRO A 325 16.23 21.88 19.77
CA PRO A 325 17.23 21.30 18.86
C PRO A 325 17.57 19.84 19.18
N ALA A 326 17.66 19.52 20.47
CA ALA A 326 17.98 18.15 20.90
C ALA A 326 16.93 17.18 20.39
N VAL A 327 15.66 17.57 20.55
CA VAL A 327 14.53 16.80 20.08
C VAL A 327 14.50 16.76 18.55
N ALA A 328 14.64 17.92 17.90
CA ALA A 328 14.63 18.02 16.44
C ALA A 328 15.71 17.15 15.80
N GLU A 329 16.84 17.03 16.48
CA GLU A 329 17.92 16.16 16.04
C GLU A 329 17.50 14.69 16.16
N LEU A 330 16.83 14.34 17.26
CA LEU A 330 16.36 12.96 17.49
C LEU A 330 15.31 12.57 16.47
N LEU A 331 14.52 13.55 16.04
CA LEU A 331 13.49 13.38 15.04
C LEU A 331 14.05 13.29 13.63
N THR A 332 15.32 13.60 13.45
CA THR A 332 15.92 13.51 12.13
C THR A 332 16.38 12.10 11.88
N PRO A 333 15.83 11.45 10.83
CA PRO A 333 16.24 10.11 10.42
C PRO A 333 17.73 10.14 10.18
N LYS A 334 18.48 9.25 10.84
CA LYS A 334 19.93 9.32 10.74
C LYS A 334 20.52 8.33 9.74
N ASP A 335 21.32 8.89 8.83
CA ASP A 335 22.07 8.17 7.81
C ASP A 335 21.25 7.24 6.92
N HIS A 336 20.03 7.67 6.57
CA HIS A 336 19.20 6.98 5.58
C HIS A 336 18.87 7.87 4.40
N ALA A 337 18.58 7.25 3.25
CA ALA A 337 18.16 7.98 2.05
C ALA A 337 16.66 8.37 2.08
N ILE A 338 16.34 9.58 1.63
CA ILE A 338 14.97 10.11 1.66
C ILE A 338 14.10 9.73 0.44
N GLY A 339 13.11 8.86 0.69
CA GLY A 339 12.31 8.27 -0.36
C GLY A 339 12.64 6.81 -0.55
N ALA A 340 13.71 6.35 0.11
CA ALA A 340 14.13 4.94 0.12
C ALA A 340 13.03 4.03 0.67
N LYS A 341 12.46 4.46 1.79
CA LYS A 341 11.17 3.97 2.25
C LYS A 341 10.22 5.14 2.04
N ARG A 342 9.00 4.83 1.56
CA ARG A 342 8.01 5.87 1.26
C ARG A 342 7.81 6.90 2.38
N ILE A 343 7.75 8.17 1.98
CA ILE A 343 7.51 9.24 2.92
C ILE A 343 6.07 9.27 3.43
N VAL A 344 5.95 9.25 4.75
CA VAL A 344 4.66 9.37 5.46
C VAL A 344 4.10 10.79 5.29
N THR A 345 2.78 10.90 5.19
CA THR A 345 2.13 12.19 5.18
C THR A 345 1.36 12.36 6.49
N ASP A 346 1.58 13.50 7.15
CA ASP A 346 1.05 13.73 8.49
C ASP A 346 0.26 15.02 8.58
N SER A 347 -0.47 15.17 9.68
CA SER A 347 -1.15 16.43 10.02
C SER A 347 -0.68 17.01 11.35
N GLY A 348 0.27 17.93 11.28
CA GLY A 348 0.86 18.58 12.45
C GLY A 348 1.56 17.61 13.37
N TYR A 349 2.42 16.75 12.82
CA TYR A 349 3.13 15.76 13.62
C TYR A 349 4.30 16.34 14.41
N TYR A 350 5.11 17.16 13.76
CA TYR A 350 6.32 17.67 14.39
C TYR A 350 5.96 18.71 15.40
N GLU A 351 5.01 19.58 15.04
CA GLU A 351 4.41 20.56 15.95
C GLU A 351 4.07 19.91 17.30
N THR A 352 3.53 18.70 17.23
CA THR A 352 3.14 17.91 18.39
C THR A 352 4.20 17.88 19.46
N TYR A 353 5.47 17.81 19.06
CA TYR A 353 6.61 17.77 20.00
C TYR A 353 6.90 19.09 20.74
N ASN A 354 6.29 20.18 20.31
CA ASN A 354 6.47 21.46 20.99
C ASN A 354 5.62 21.59 22.25
N ARG A 355 4.67 20.66 22.39
CA ARG A 355 3.77 20.59 23.54
C ARG A 355 4.47 20.19 24.84
N ASP A 356 3.96 20.69 25.95
CA ASP A 356 4.50 20.37 27.27
C ASP A 356 4.20 18.92 27.68
N ASN A 357 3.15 18.33 27.11
CA ASN A 357 2.74 16.99 27.53
C ASN A 357 3.22 15.84 26.61
N VAL A 358 4.22 16.11 25.77
CA VAL A 358 4.79 15.03 24.97
C VAL A 358 6.29 14.92 25.13
N GLU A 359 6.77 13.69 25.33
CA GLU A 359 8.20 13.44 25.45
C GLU A 359 8.65 12.30 24.55
N LEU A 360 9.73 12.55 23.81
CA LEU A 360 10.30 11.57 22.90
C LEU A 360 11.43 10.78 23.58
N VAL A 361 11.33 9.46 23.57
CA VAL A 361 12.32 8.61 24.25
C VAL A 361 13.22 7.83 23.26
N ASP A 362 14.53 8.01 23.40
CA ASP A 362 15.46 7.37 22.49
C ASP A 362 15.74 5.92 22.86
N LEU A 363 15.10 5.01 22.13
CA LEU A 363 15.24 3.57 22.40
C LEU A 363 16.66 3.06 22.20
N ARG A 364 17.44 3.78 21.40
CA ARG A 364 18.86 3.50 21.23
C ARG A 364 19.60 3.81 22.52
N SER A 365 19.25 4.93 23.16
CA SER A 365 19.85 5.33 24.44
C SER A 365 19.37 4.44 25.58
N THR A 366 18.07 4.26 25.69
CA THR A 366 17.50 3.43 26.76
C THR A 366 16.42 2.51 26.20
N PRO A 367 16.83 1.30 25.75
CA PRO A 367 15.89 0.35 25.14
C PRO A 367 14.84 -0.14 26.11
N ILE A 368 13.75 -0.68 25.57
CA ILE A 368 12.70 -1.31 26.36
C ILE A 368 13.18 -2.71 26.75
N VAL A 369 13.18 -2.97 28.05
CA VAL A 369 13.56 -4.30 28.57
C VAL A 369 12.33 -5.11 28.98
N GLY A 370 11.16 -4.47 28.98
CA GLY A 370 9.92 -5.19 29.25
C GLY A 370 8.90 -4.34 29.96
N MET A 371 7.78 -4.94 30.31
CA MET A 371 6.73 -4.25 31.04
C MET A 371 6.47 -4.86 32.40
N ASP A 372 6.06 -4.02 33.36
CA ASP A 372 5.56 -4.49 34.65
C ASP A 372 4.10 -4.08 34.82
N GLU A 373 3.58 -4.30 36.04
CA GLU A 373 2.21 -3.96 36.40
C GLU A 373 1.82 -2.50 36.10
N THR A 374 2.77 -1.57 36.25
CA THR A 374 2.45 -0.12 36.24
C THR A 374 2.87 0.66 34.99
N GLY A 375 3.60 0.01 34.07
CA GLY A 375 4.07 0.70 32.85
C GLY A 375 5.27 0.07 32.16
N ILE A 376 6.08 0.90 31.50
CA ILE A 376 7.22 0.41 30.69
C ILE A 376 8.57 0.53 31.41
N VAL A 377 9.44 -0.46 31.16
CA VAL A 377 10.78 -0.49 31.74
C VAL A 377 11.83 -0.33 30.63
N THR A 378 12.52 0.80 30.63
CA THR A 378 13.70 0.98 29.76
C THR A 378 14.91 0.69 30.63
N THR A 379 16.10 0.63 30.03
CA THR A 379 17.30 0.49 30.86
C THR A 379 17.40 1.64 31.87
N GLY A 380 17.04 2.85 31.44
CA GLY A 380 17.23 4.06 32.22
C GLY A 380 16.20 4.29 33.30
N ALA A 381 14.93 4.25 32.94
CA ALA A 381 13.87 4.63 33.86
C ALA A 381 12.67 3.70 33.77
N HIS A 382 11.69 3.95 34.63
CA HIS A 382 10.39 3.32 34.53
C HIS A 382 9.41 4.41 34.18
N TYR A 383 8.39 4.03 33.41
CA TYR A 383 7.35 4.95 32.98
C TYR A 383 6.03 4.45 33.50
N ASP A 384 5.42 5.24 34.40
CA ASP A 384 4.06 4.97 34.87
C ASP A 384 3.14 5.33 33.72
N LEU A 385 2.40 4.33 33.23
CA LEU A 385 1.51 4.52 32.12
C LEU A 385 0.21 3.80 32.35
N ASP A 386 -0.88 4.39 31.83
CA ASP A 386 -2.23 3.83 31.91
C ASP A 386 -2.52 3.06 30.66
N MET A 387 -1.88 3.46 29.56
CA MET A 387 -2.22 2.90 28.25
C MET A 387 -0.99 2.80 27.38
N ILE A 388 -0.83 1.67 26.69
CA ILE A 388 0.26 1.50 25.73
C ILE A 388 -0.33 1.29 24.32
N VAL A 389 0.11 2.09 23.36
CA VAL A 389 -0.38 1.92 22.00
C VAL A 389 0.73 1.28 21.22
N LEU A 390 0.46 0.08 20.70
CA LEU A 390 1.40 -0.58 19.82
C LEU A 390 1.08 -0.11 18.41
N ALA A 391 1.89 0.79 17.87
CA ALA A 391 1.63 1.30 16.54
C ALA A 391 2.49 0.55 15.53
N THR A 392 1.94 -0.56 15.04
CA THR A 392 2.71 -1.51 14.28
C THR A 392 2.91 -1.11 12.83
N GLY A 393 3.78 -1.86 12.15
CA GLY A 393 4.06 -1.63 10.75
C GLY A 393 3.49 -2.70 9.84
N PHE A 394 4.10 -2.87 8.68
CA PHE A 394 3.55 -3.72 7.66
C PHE A 394 4.53 -4.74 7.12
N ASP A 395 4.07 -6.00 7.03
CA ASP A 395 4.86 -7.13 6.56
C ASP A 395 5.20 -7.00 5.07
N ALA A 396 6.17 -7.82 4.64
CA ALA A 396 6.60 -8.02 3.23
C ALA A 396 5.50 -7.91 2.14
N MET A 397 5.79 -7.14 1.09
CA MET A 397 4.92 -6.99 -0.08
C MET A 397 4.12 -8.25 -0.45
N THR A 398 4.78 -9.41 -0.46
CA THR A 398 4.11 -10.69 -0.70
C THR A 398 3.10 -10.91 0.42
N GLY A 399 3.63 -11.21 1.62
CA GLY A 399 2.90 -11.14 2.91
C GLY A 399 1.65 -11.98 3.06
N SER A 400 0.55 -11.52 2.46
CA SER A 400 -0.74 -12.18 2.41
C SER A 400 -0.68 -13.51 1.71
N LEU A 401 -0.02 -13.50 0.55
CA LEU A 401 0.16 -14.68 -0.30
C LEU A 401 0.93 -15.81 0.38
N ASP A 402 1.88 -15.46 1.24
CA ASP A 402 2.58 -16.46 2.03
C ASP A 402 1.64 -17.34 2.86
N LYS A 403 0.54 -16.74 3.34
CA LYS A 403 -0.40 -17.45 4.18
C LYS A 403 -1.38 -18.31 3.35
N LEU A 404 -1.36 -18.12 2.03
CA LEU A 404 -2.12 -18.97 1.12
C LEU A 404 -1.27 -20.16 0.70
N GLU A 405 -1.90 -21.31 0.50
CA GLU A 405 -1.22 -22.52 0.00
C GLU A 405 -1.65 -22.80 -1.43
N ILE A 406 -0.77 -22.46 -2.37
CA ILE A 406 -1.10 -22.49 -3.78
C ILE A 406 -0.30 -23.56 -4.50
N VAL A 407 -1.00 -24.60 -4.95
CA VAL A 407 -0.32 -25.79 -5.46
C VAL A 407 -0.47 -25.86 -6.99
N GLY A 408 0.58 -25.47 -7.71
CA GLY A 408 0.58 -25.43 -9.18
C GLY A 408 0.86 -26.78 -9.81
N ARG A 409 1.44 -26.77 -11.01
CA ARG A 409 1.81 -28.01 -11.72
C ARG A 409 2.82 -28.81 -10.91
N GLY A 410 2.91 -30.12 -11.16
CA GLY A 410 3.80 -31.03 -10.45
C GLY A 410 3.57 -31.14 -8.95
N GLY A 411 2.60 -30.38 -8.44
CA GLY A 411 2.36 -30.29 -7.00
C GLY A 411 3.35 -29.35 -6.35
N ARG A 412 4.06 -28.60 -7.20
CA ARG A 412 4.91 -27.49 -6.77
C ARG A 412 4.09 -26.36 -6.17
N THR A 413 4.61 -25.80 -5.09
CA THR A 413 3.99 -24.74 -4.32
C THR A 413 4.49 -23.39 -4.81
N LEU A 414 3.65 -22.36 -4.74
CA LEU A 414 4.10 -21.01 -5.08
C LEU A 414 5.27 -20.52 -4.20
N LYS A 415 5.19 -20.77 -2.88
CA LYS A 415 6.30 -20.51 -1.94
C LYS A 415 7.58 -21.20 -2.39
N GLU A 416 7.48 -22.44 -2.87
CA GLU A 416 8.66 -23.13 -3.38
C GLU A 416 9.17 -22.36 -4.59
N THR A 417 8.34 -22.18 -5.60
CA THR A 417 8.69 -21.44 -6.81
C THR A 417 9.38 -20.09 -6.51
N TRP A 418 8.92 -19.40 -5.48
CA TRP A 418 9.49 -18.12 -5.14
C TRP A 418 10.58 -18.21 -4.09
N ALA A 419 10.99 -19.43 -3.75
CA ALA A 419 12.10 -19.68 -2.82
C ALA A 419 13.29 -18.72 -2.98
N ALA A 420 13.71 -18.45 -4.22
CA ALA A 420 14.85 -17.55 -4.45
C ALA A 420 14.43 -16.12 -4.87
N GLY A 421 13.26 -15.69 -4.41
CA GLY A 421 12.69 -14.40 -4.79
C GLY A 421 11.53 -14.62 -5.73
N PRO A 422 10.59 -13.65 -5.79
CA PRO A 422 9.44 -13.83 -6.68
C PRO A 422 9.89 -13.81 -8.12
N ARG A 423 9.31 -14.71 -8.92
CA ARG A 423 9.55 -14.71 -10.36
C ARG A 423 8.19 -14.70 -11.11
N THR A 424 8.02 -13.74 -12.01
CA THR A 424 6.80 -13.59 -12.78
C THR A 424 7.09 -13.11 -14.19
N TYR A 425 6.11 -13.25 -15.07
CA TYR A 425 6.08 -12.48 -16.30
C TYR A 425 5.06 -11.31 -16.17
N LEU A 426 5.58 -10.09 -16.18
CA LEU A 426 4.76 -8.88 -16.11
C LEU A 426 4.05 -8.76 -14.78
N GLY A 427 4.37 -9.68 -13.87
CA GLY A 427 3.59 -9.86 -12.66
C GLY A 427 2.34 -10.71 -12.88
N LEU A 428 1.90 -10.88 -14.12
CA LEU A 428 0.64 -11.62 -14.33
C LEU A 428 0.84 -13.05 -14.87
N GLY A 429 2.09 -13.51 -14.93
CA GLY A 429 2.37 -14.88 -15.33
C GLY A 429 3.44 -15.59 -14.51
N ILE A 430 3.22 -16.87 -14.22
CA ILE A 430 4.23 -17.69 -13.57
C ILE A 430 4.08 -19.08 -14.16
N ASP A 431 5.15 -19.63 -14.71
CA ASP A 431 5.05 -20.99 -15.21
C ASP A 431 4.77 -21.97 -14.08
N GLY A 432 3.88 -22.90 -14.34
CA GLY A 432 3.41 -23.84 -13.35
C GLY A 432 2.05 -23.42 -12.81
N PHE A 433 1.64 -22.19 -13.13
CA PHE A 433 0.46 -21.61 -12.52
C PHE A 433 -0.50 -21.06 -13.57
N PRO A 434 -1.08 -21.97 -14.39
CA PRO A 434 -1.97 -21.54 -15.45
C PRO A 434 -3.30 -21.04 -14.87
N ASN A 435 -3.88 -20.01 -15.48
CA ASN A 435 -5.16 -19.45 -15.01
C ASN A 435 -5.06 -18.88 -13.59
N PHE A 436 -3.84 -18.54 -13.18
CA PHE A 436 -3.63 -17.90 -11.89
C PHE A 436 -3.20 -16.45 -12.05
N PHE A 437 -3.82 -15.52 -11.34
CA PHE A 437 -3.47 -14.10 -11.48
C PHE A 437 -3.38 -13.42 -10.15
N ASN A 438 -2.18 -12.96 -9.82
CA ASN A 438 -1.97 -12.24 -8.58
C ASN A 438 -2.08 -10.75 -8.87
N LEU A 439 -2.79 -10.01 -8.05
CA LEU A 439 -3.15 -8.70 -8.52
C LEU A 439 -2.09 -7.59 -8.51
N THR A 440 -1.71 -6.99 -7.40
CA THR A 440 -0.82 -5.83 -7.67
C THR A 440 0.51 -5.95 -6.99
N GLY A 441 1.19 -7.05 -7.29
CA GLY A 441 2.36 -7.45 -6.52
C GLY A 441 3.62 -7.53 -7.35
N PRO A 442 4.54 -8.41 -6.93
CA PRO A 442 5.85 -8.48 -7.55
C PRO A 442 5.77 -8.61 -9.05
N GLY A 443 6.52 -7.75 -9.72
CA GLY A 443 6.65 -7.79 -11.17
C GLY A 443 5.91 -6.66 -11.83
N SER A 444 5.11 -5.95 -11.04
CA SER A 444 4.33 -4.84 -11.52
C SER A 444 4.70 -3.65 -10.66
N PRO A 445 4.37 -2.41 -11.10
CA PRO A 445 4.72 -1.20 -10.32
C PRO A 445 4.28 -1.27 -8.86
N SER A 446 3.17 -1.98 -8.62
CA SER A 446 2.72 -2.26 -7.27
C SER A 446 2.53 -1.00 -6.40
N VAL A 447 3.12 -0.99 -5.22
CA VAL A 447 2.93 0.12 -4.30
C VAL A 447 3.56 1.40 -4.82
N LEU A 448 4.27 1.31 -5.94
CA LEU A 448 4.96 2.47 -6.49
C LEU A 448 4.06 3.30 -7.40
N ALA A 449 2.81 2.89 -7.56
CA ALA A 449 1.82 3.70 -8.26
C ALA A 449 0.48 3.74 -7.52
N ASN A 450 -0.29 4.81 -7.78
CA ASN A 450 -1.69 4.93 -7.34
C ASN A 450 -2.32 3.59 -7.54
N MET A 451 -2.91 3.04 -6.49
CA MET A 451 -3.34 1.65 -6.55
C MET A 451 -4.77 1.40 -6.90
N VAL A 452 -5.61 2.43 -6.85
CA VAL A 452 -6.91 2.28 -7.45
C VAL A 452 -6.73 2.10 -8.95
N LEU A 453 -5.96 2.99 -9.58
CA LEU A 453 -5.72 2.91 -11.03
C LEU A 453 -4.94 1.66 -11.40
N HIS A 454 -3.99 1.28 -10.56
CA HIS A 454 -3.25 0.06 -10.79
C HIS A 454 -4.17 -1.15 -10.70
N SER A 455 -5.15 -1.11 -9.82
CA SER A 455 -6.09 -2.22 -9.74
C SER A 455 -6.96 -2.30 -10.96
N GLU A 456 -7.39 -1.13 -11.45
CA GLU A 456 -8.20 -1.03 -12.65
C GLU A 456 -7.47 -1.61 -13.85
N LEU A 457 -6.21 -1.22 -14.03
CA LEU A 457 -5.38 -1.75 -15.10
C LEU A 457 -5.31 -3.29 -15.08
N HIS A 458 -4.93 -3.85 -13.95
CA HIS A 458 -4.76 -5.27 -13.81
C HIS A 458 -6.04 -6.09 -13.99
N VAL A 459 -7.12 -5.67 -13.35
CA VAL A 459 -8.39 -6.32 -13.54
C VAL A 459 -8.77 -6.29 -15.02
N ASP A 460 -8.78 -5.09 -15.62
CA ASP A 460 -9.02 -4.96 -17.05
C ASP A 460 -8.20 -5.94 -17.90
N TRP A 461 -6.89 -6.00 -17.62
CA TRP A 461 -5.98 -6.92 -18.31
C TRP A 461 -6.42 -8.37 -18.16
N VAL A 462 -6.73 -8.79 -16.94
CA VAL A 462 -7.18 -10.16 -16.72
C VAL A 462 -8.47 -10.42 -17.50
N ALA A 463 -9.40 -9.45 -17.41
CA ALA A 463 -10.72 -9.56 -18.06
C ALA A 463 -10.56 -9.75 -19.57
N ASP A 464 -9.64 -9.00 -20.17
CA ASP A 464 -9.40 -9.09 -21.58
C ASP A 464 -8.81 -10.42 -21.95
N ALA A 465 -7.91 -10.91 -21.11
CA ALA A 465 -7.28 -12.21 -21.29
C ALA A 465 -8.33 -13.32 -21.27
N ILE A 466 -9.24 -13.25 -20.30
CA ILE A 466 -10.28 -14.28 -20.22
C ILE A 466 -11.15 -14.22 -21.48
N ALA A 467 -11.51 -13.01 -21.89
CA ALA A 467 -12.30 -12.79 -23.10
C ALA A 467 -11.60 -13.37 -24.34
N TYR A 468 -10.31 -13.07 -24.47
CA TYR A 468 -9.48 -13.63 -25.53
C TYR A 468 -9.58 -15.15 -25.60
N LEU A 469 -9.38 -15.80 -24.45
CA LEU A 469 -9.47 -17.25 -24.38
C LEU A 469 -10.83 -17.69 -24.82
N ASP A 470 -11.85 -17.09 -24.17
CA ASP A 470 -13.24 -17.44 -24.42
C ASP A 470 -13.61 -17.34 -25.88
N ALA A 471 -13.17 -16.27 -26.53
CA ALA A 471 -13.24 -16.18 -27.97
C ALA A 471 -12.63 -17.45 -28.59
N ARG A 472 -11.36 -17.45 -28.97
CA ARG A 472 -10.65 -18.64 -29.51
C ARG A 472 -10.99 -20.07 -29.00
N GLY A 473 -11.92 -20.23 -28.06
CA GLY A 473 -12.24 -21.56 -27.51
C GLY A 473 -11.16 -22.27 -26.66
N ALA A 474 -10.34 -21.49 -25.97
CA ALA A 474 -9.15 -22.01 -25.31
C ALA A 474 -9.38 -22.13 -23.80
N ALA A 475 -8.65 -23.08 -23.19
CA ALA A 475 -8.85 -23.49 -21.81
C ALA A 475 -8.09 -22.65 -20.83
N GLY A 476 -6.92 -22.16 -21.23
CA GLY A 476 -6.11 -21.35 -20.31
C GLY A 476 -4.88 -20.60 -20.82
N ILE A 477 -4.32 -19.78 -19.93
CA ILE A 477 -3.18 -18.93 -20.22
C ILE A 477 -2.13 -19.18 -19.15
N GLU A 478 -0.85 -19.19 -19.51
CA GLU A 478 0.21 -19.58 -18.58
C GLU A 478 1.53 -18.98 -18.98
N GLY A 479 2.16 -18.24 -18.06
CA GLY A 479 3.49 -17.66 -18.28
C GLY A 479 4.49 -18.70 -18.74
N THR A 480 5.44 -18.30 -19.57
CA THR A 480 6.44 -19.25 -20.05
C THR A 480 7.74 -19.02 -19.31
N PRO A 481 8.49 -20.12 -19.05
CA PRO A 481 9.81 -20.14 -18.42
C PRO A 481 10.70 -19.03 -18.95
N GLU A 482 10.78 -18.96 -20.28
CA GLU A 482 11.56 -17.98 -21.03
C GLU A 482 11.14 -16.56 -20.71
N ALA A 483 9.83 -16.30 -20.69
CA ALA A 483 9.28 -14.96 -20.44
C ALA A 483 9.55 -14.45 -19.01
N VAL A 484 9.39 -15.33 -18.00
CA VAL A 484 9.63 -14.91 -16.62
C VAL A 484 11.09 -14.52 -16.42
N ALA A 485 12.01 -15.31 -16.96
CA ALA A 485 13.42 -15.05 -16.75
C ALA A 485 13.82 -13.69 -17.33
N ASP A 486 13.29 -13.38 -18.51
CA ASP A 486 13.49 -12.08 -19.12
C ASP A 486 12.94 -10.96 -18.25
N TRP A 487 11.74 -11.16 -17.70
CA TRP A 487 11.10 -10.18 -16.82
C TRP A 487 11.84 -10.02 -15.53
N VAL A 488 12.30 -11.13 -14.96
CA VAL A 488 13.17 -11.10 -13.78
C VAL A 488 14.41 -10.24 -14.08
N GLU A 489 15.15 -10.62 -15.13
CA GLU A 489 16.27 -9.81 -15.64
C GLU A 489 15.95 -8.32 -15.78
N GLU A 490 14.79 -8.04 -16.37
CA GLU A 490 14.34 -6.67 -16.62
C GLU A 490 14.10 -5.91 -15.33
N CYS A 491 13.47 -6.57 -14.36
CA CYS A 491 13.20 -5.96 -13.05
C CYS A 491 14.49 -5.68 -12.29
N ARG A 492 15.48 -6.56 -12.47
CA ARG A 492 16.80 -6.39 -11.85
C ARG A 492 17.46 -5.15 -12.44
N ASN A 493 17.32 -4.97 -13.75
CA ASN A 493 17.97 -3.88 -14.48
C ASN A 493 17.37 -2.49 -14.30
N ARG A 494 16.05 -2.42 -14.12
CA ARG A 494 15.40 -1.13 -13.86
C ARG A 494 15.76 -0.64 -12.45
N ALA A 495 16.13 -1.58 -11.58
CA ALA A 495 16.34 -1.32 -10.17
C ALA A 495 17.77 -0.93 -9.79
N GLU A 496 18.76 -1.57 -10.41
CA GLU A 496 20.17 -1.38 -10.01
C GLU A 496 20.51 0.08 -9.67
N ALA A 497 20.04 1.02 -10.49
CA ALA A 497 20.31 2.43 -10.29
C ALA A 497 19.69 3.02 -9.01
N SER A 498 18.40 2.72 -8.78
CA SER A 498 17.59 3.29 -7.68
C SER A 498 18.18 3.27 -6.26
N LEU A 499 17.94 4.37 -5.53
CA LEU A 499 18.27 4.47 -4.11
C LEU A 499 17.17 3.81 -3.29
N LEU A 500 16.14 3.33 -3.99
CA LEU A 500 15.15 2.43 -3.42
C LEU A 500 15.73 1.01 -3.31
N ASN A 501 16.91 0.78 -3.90
CA ASN A 501 17.52 -0.54 -3.87
C ASN A 501 18.57 -0.70 -2.77
N SER A 502 18.27 -0.16 -1.59
CA SER A 502 19.12 -0.29 -0.41
C SER A 502 19.25 -1.74 0.02
N ALA A 503 20.16 -2.01 0.96
CA ALA A 503 20.25 -3.32 1.62
C ALA A 503 19.13 -3.46 2.67
N ASN A 504 18.79 -2.34 3.31
CA ASN A 504 17.76 -2.30 4.35
C ASN A 504 16.36 -1.88 3.83
N SER A 505 16.14 -2.05 2.53
CA SER A 505 14.90 -1.62 1.87
C SER A 505 13.76 -2.62 2.02
N TRP A 506 12.54 -2.10 2.24
CA TRP A 506 11.34 -2.93 2.37
C TRP A 506 11.00 -3.66 1.09
N TYR A 507 11.43 -3.11 -0.04
CA TYR A 507 11.05 -3.63 -1.34
C TYR A 507 11.72 -4.94 -1.69
N LEU A 508 12.62 -5.42 -0.83
CA LEU A 508 13.44 -6.61 -1.17
C LEU A 508 12.85 -7.97 -0.75
N GLY A 509 13.16 -8.99 -1.58
CA GLY A 509 12.88 -10.39 -1.31
C GLY A 509 14.17 -11.20 -1.33
N ALA A 510 14.32 -12.09 -0.34
CA ALA A 510 15.59 -12.82 -0.07
C ALA A 510 16.79 -11.89 0.10
N VAL A 518 16.69 -9.33 -4.56
CA VAL A 518 15.56 -9.17 -5.48
C VAL A 518 14.63 -8.01 -5.08
N PHE A 519 14.71 -6.92 -5.84
CA PHE A 519 13.74 -5.82 -5.78
C PHE A 519 12.47 -6.37 -6.42
N MET A 520 11.33 -6.08 -5.80
CA MET A 520 10.10 -6.72 -6.22
C MET A 520 9.28 -5.93 -7.26
N PRO A 521 9.09 -4.60 -7.06
CA PRO A 521 8.28 -3.89 -8.04
C PRO A 521 9.00 -3.70 -9.35
N PHE A 522 8.24 -3.47 -10.41
CA PHE A 522 8.77 -2.96 -11.66
C PHE A 522 8.98 -1.46 -11.47
N LEU A 523 10.20 -1.01 -11.73
CA LEU A 523 10.61 0.39 -11.49
C LEU A 523 10.50 1.38 -12.65
N GLY A 524 10.17 0.89 -13.85
CA GLY A 524 10.16 1.73 -15.04
C GLY A 524 9.06 2.78 -15.19
N GLY A 525 8.05 2.77 -14.32
CA GLY A 525 6.96 3.75 -14.40
C GLY A 525 5.64 3.12 -14.83
N PHE A 526 4.54 3.60 -14.23
CA PHE A 526 3.20 3.08 -14.50
C PHE A 526 2.78 3.14 -15.96
N GLY A 527 2.88 4.33 -16.56
CA GLY A 527 2.47 4.57 -17.94
C GLY A 527 3.22 3.65 -18.89
N VAL A 528 4.50 3.47 -18.60
CA VAL A 528 5.35 2.61 -19.43
C VAL A 528 4.92 1.17 -19.23
N TYR A 529 4.64 0.81 -17.98
CA TYR A 529 4.25 -0.55 -17.63
C TYR A 529 2.91 -0.90 -18.28
N ARG A 530 1.96 0.03 -18.18
CA ARG A 530 0.71 -0.04 -18.91
C ARG A 530 0.95 -0.29 -20.41
N GLU A 531 1.87 0.48 -21.01
CA GLU A 531 2.16 0.30 -22.43
C GLU A 531 2.54 -1.16 -22.69
N ILE A 532 3.47 -1.68 -21.90
CA ILE A 532 4.08 -3.00 -22.11
C ILE A 532 3.03 -4.09 -22.14
N ILE A 533 2.27 -4.19 -21.04
CA ILE A 533 1.32 -5.29 -20.90
C ILE A 533 0.17 -5.16 -21.90
N THR A 534 -0.11 -3.93 -22.32
CA THR A 534 -1.12 -3.68 -23.35
C THR A 534 -0.62 -4.25 -24.67
N GLU A 535 0.57 -3.86 -25.09
CA GLU A 535 1.08 -4.35 -26.38
C GLU A 535 1.27 -5.86 -26.35
N VAL A 536 1.32 -6.45 -25.15
CA VAL A 536 1.48 -7.90 -25.03
C VAL A 536 0.16 -8.58 -25.37
N ALA A 537 -0.92 -8.06 -24.80
CA ALA A 537 -2.28 -8.47 -25.16
C ALA A 537 -2.53 -8.28 -26.68
N GLU A 538 -2.26 -7.08 -27.18
CA GLU A 538 -2.57 -6.79 -28.57
C GLU A 538 -1.89 -7.81 -29.49
N SER A 539 -0.72 -8.30 -29.09
CA SER A 539 0.10 -9.19 -29.91
C SER A 539 -0.31 -10.65 -29.84
N GLY A 540 -1.38 -10.96 -29.14
CA GLY A 540 -1.77 -12.35 -28.91
C GLY A 540 -1.01 -12.97 -27.75
N TYR A 541 -0.75 -12.18 -26.72
CA TYR A 541 -0.18 -12.65 -25.45
C TYR A 541 1.18 -13.34 -25.60
N LYS A 542 2.03 -12.75 -26.45
CA LYS A 542 3.39 -13.21 -26.62
C LYS A 542 4.10 -13.25 -25.25
N GLY A 543 4.70 -14.38 -24.94
CA GLY A 543 5.31 -14.58 -23.63
C GLY A 543 4.51 -15.57 -22.81
N PHE A 544 3.21 -15.65 -23.10
CA PHE A 544 2.33 -16.63 -22.48
C PHE A 544 2.08 -17.76 -23.47
N ALA A 545 1.81 -18.96 -22.96
CA ALA A 545 1.27 -20.05 -23.78
C ALA A 545 -0.24 -20.05 -23.68
N ILE A 546 -0.93 -20.26 -24.80
CA ILE A 546 -2.39 -20.40 -24.78
C ILE A 546 -2.73 -21.88 -24.71
N LEU A 547 -3.59 -22.30 -23.80
CA LEU A 547 -3.78 -23.75 -23.64
C LEU A 547 -5.14 -24.24 -24.08
N GLU A 548 -5.16 -25.39 -24.76
CA GLU A 548 -6.39 -26.03 -25.21
C GLU A 548 -7.10 -26.94 -24.20
N GLY A 549 -6.32 -27.74 -23.47
CA GLY A 549 -6.84 -28.62 -22.41
C GLY A 549 -7.99 -29.56 -22.79
PA FAD B . -6.26 -4.48 0.38
O1A FAD B . -6.93 -3.15 0.66
O2A FAD B . -5.11 -4.84 1.28
O5B FAD B . -7.39 -5.61 0.48
C5B FAD B . -7.01 -6.95 0.43
C4B FAD B . -8.11 -7.74 1.09
O4B FAD B . -7.98 -9.14 0.79
C3B FAD B . -8.13 -7.58 2.61
O3B FAD B . -9.48 -7.29 2.98
C2B FAD B . -7.76 -8.94 3.11
O2B FAD B . -8.59 -9.36 4.17
C1B FAD B . -8.21 -9.85 2.01
N9A FAD B . -7.47 -11.12 2.10
C8A FAD B . -6.12 -11.31 2.06
N7A FAD B . -5.83 -12.63 2.16
C5A FAD B . -7.00 -13.29 2.27
C6A FAD B . -7.42 -14.69 2.39
N6A FAD B . -6.51 -15.66 2.43
N1A FAD B . -8.74 -14.97 2.46
C2A FAD B . -9.68 -13.98 2.40
N3A FAD B . -9.38 -12.67 2.29
C4A FAD B . -8.08 -12.29 2.22
N1 FAD B . -2.09 3.34 -1.87
C2 FAD B . -2.22 4.31 -2.80
O2 FAD B . -2.15 3.99 -4.02
N3 FAD B . -2.42 5.61 -2.48
C4 FAD B . -2.50 6.02 -1.21
O4 FAD B . -2.70 7.22 -0.91
C4X FAD B . -2.36 5.02 -0.13
N5 FAD B . -2.43 5.38 1.16
C5X FAD B . -2.31 4.46 2.13
C6 FAD B . -2.39 4.88 3.46
C7 FAD B . -2.28 3.95 4.49
C7M FAD B . -2.37 4.43 5.91
C8 FAD B . -2.06 2.50 4.16
C8M FAD B . -1.92 1.47 5.26
C9 FAD B . -1.98 2.08 2.83
C9A FAD B . -2.09 3.01 1.80
N10 FAD B . -2.01 2.62 0.44
C10 FAD B . -2.16 3.61 -0.55
C1' FAD B . -1.75 1.22 0.06
C2' FAD B . -2.95 0.32 0.27
O2' FAD B . -2.41 -0.84 0.89
C3' FAD B . -3.54 0.02 -1.09
O3' FAD B . -3.78 1.26 -1.76
C4' FAD B . -4.84 -0.75 -1.01
O4' FAD B . -4.82 -1.52 0.18
C5' FAD B . -4.92 -1.74 -2.15
O5' FAD B . -6.21 -2.35 -2.12
P FAD B . -6.33 -3.92 -2.43
O1P FAD B . -7.73 -4.42 -2.63
O2P FAD B . -5.30 -4.07 -3.55
O3P FAD B . -5.71 -4.59 -1.12
PA NAP C . 7.46 0.36 9.71
O1A NAP C . 8.51 1.08 8.89
O2A NAP C . 7.74 -1.04 10.21
O5B NAP C . 7.08 1.32 10.96
C5B NAP C . 6.84 0.81 12.27
C4B NAP C . 7.68 1.56 13.33
O4B NAP C . 7.71 0.76 14.52
C3B NAP C . 9.13 1.78 12.89
O3B NAP C . 9.61 3.09 13.23
C2B NAP C . 9.90 0.72 13.65
O2B NAP C . 11.24 1.10 13.93
C1B NAP C . 9.06 0.57 14.92
N9A NAP C . 9.32 -0.74 15.57
C8A NAP C . 9.26 -1.96 15.01
N7A NAP C . 9.57 -2.92 15.93
C5A NAP C . 9.84 -2.30 17.10
C6A NAP C . 10.23 -2.71 18.49
N6A NAP C . 10.41 -4.01 18.82
N1A NAP C . 10.41 -1.73 19.41
C2A NAP C . 10.23 -0.41 19.11
N3A NAP C . 9.87 0.03 17.88
C4A NAP C . 9.66 -0.85 16.86
O3 NAP C . 6.07 0.31 8.85
PN NAP C . 5.40 1.57 8.07
O1N NAP C . 6.32 2.78 8.18
O2N NAP C . 4.01 1.74 8.61
O5D NAP C . 5.35 1.10 6.51
C5D NAP C . 5.89 -0.15 6.01
C4D NAP C . 6.21 -0.18 4.50
O4D NAP C . 5.04 -0.09 3.67
C3D NAP C . 7.17 0.91 4.04
O3D NAP C . 8.49 0.37 3.82
C2D NAP C . 6.58 1.50 2.75
O2D NAP C . 7.40 1.21 1.61
C1D NAP C . 5.19 0.85 2.59
N1N NAP C . 4.10 1.86 2.60
C2N NAP C . 3.39 2.08 1.47
C3N NAP C . 2.33 3.01 1.44
C7N NAP C . 1.53 3.26 0.17
O7N NAP C . 1.53 2.44 -0.75
N7N NAP C . 0.82 4.38 0.04
C4N NAP C . 2.03 3.73 2.61
C5N NAP C . 2.77 3.50 3.76
C6N NAP C . 3.81 2.56 3.73
P2B NAP C . 12.43 0.00 13.93
O1X NAP C . 12.28 -0.78 15.22
O2X NAP C . 12.15 -0.76 12.65
O3X NAP C . 13.69 0.82 13.89
S SO4 D . -26.17 -7.12 -2.58
O1 SO4 D . -26.76 -7.89 -1.45
O2 SO4 D . -24.85 -6.54 -2.21
O3 SO4 D . -27.06 -6.00 -3.02
O4 SO4 D . -25.96 -8.05 -3.70
#